data_8RNK
#
_entry.id   8RNK
#
_cell.length_a   75.500
_cell.length_b   75.500
_cell.length_c   186.049
_cell.angle_alpha   90.00
_cell.angle_beta   90.00
_cell.angle_gamma   90.00
#
_symmetry.space_group_name_H-M   'P 43 21 2'
#
loop_
_entity.id
_entity.type
_entity.pdbx_description
1 polymer 'Unspecific peroxygenase'
2 non-polymer 2-acetamido-2-deoxy-beta-D-glucopyranose
3 non-polymer 'MYRISTIC ACID'
4 non-polymer 'PROTOPORPHYRIN IX CONTAINING FE'
5 non-polymer GLYCEROL
6 non-polymer DI(HYDROXYETHYL)ETHER
7 non-polymer 'MAGNESIUM ION'
8 non-polymer 'SULFATE ION'
9 water water
#
_entity_poly.entity_id   1
_entity_poly.type   'polypeptide(L)'
_entity_poly.pdbx_seq_one_letter_code
;AVDFSAHPWKAPGPNDSRGPCPGLNTLANHGFLPRNGRNISVPMIVKAGFEGYNVQSDILILAGKVGMLTSREADTISLE
DLKLHGTIEHDASLSREDVAIGDNLHFNEAIFTTLANSNPGADVYNISSAAQVQHDRLADSVARNPNVTNTDLTATIRSS
ESAFYLTVMSAGDPLRGEAPKKFVNVFFQEERMPIKEGWKRSTTPINLPLLGPIIDRITELSDWKPTGDNCGAIVLGPGL
;
_entity_poly.pdbx_strand_id   A,B
#
# COMPACT_ATOMS: atom_id res chain seq x y z
N ALA A 1 -13.51 27.18 4.83
CA ALA A 1 -13.02 28.53 5.18
C ALA A 1 -11.70 28.80 4.47
N VAL A 2 -11.51 28.26 3.26
CA VAL A 2 -10.25 28.47 2.59
C VAL A 2 -10.35 29.82 1.87
N ASP A 3 -9.21 30.53 1.88
CA ASP A 3 -9.08 31.77 1.13
C ASP A 3 -8.34 31.48 -0.18
N PHE A 4 -9.09 31.29 -1.28
CA PHE A 4 -8.48 30.97 -2.56
C PHE A 4 -7.62 32.13 -3.05
N SER A 5 -7.97 33.37 -2.67
CA SER A 5 -7.18 34.51 -3.12
C SER A 5 -5.78 34.47 -2.50
N ALA A 6 -5.62 33.79 -1.36
CA ALA A 6 -4.31 33.59 -0.77
C ALA A 6 -3.59 32.36 -1.35
N HIS A 7 -4.15 31.75 -2.40
CA HIS A 7 -3.58 30.56 -3.01
C HIS A 7 -3.39 30.80 -4.51
N PRO A 8 -2.54 31.77 -4.92
CA PRO A 8 -2.31 32.05 -6.33
C PRO A 8 -1.62 30.89 -7.04
N TRP A 9 -2.00 30.70 -8.31
CA TRP A 9 -1.25 29.80 -9.18
C TRP A 9 0.14 30.37 -9.46
N LYS A 10 1.17 29.54 -9.32
CA LYS A 10 2.51 29.85 -9.77
C LYS A 10 3.06 28.66 -10.54
N ALA A 11 3.70 28.94 -11.67
CA ALA A 11 4.32 27.89 -12.47
C ALA A 11 5.39 27.20 -11.64
N PRO A 12 5.52 25.86 -11.70
CA PRO A 12 6.58 25.19 -10.96
C PRO A 12 7.94 25.55 -11.54
N GLY A 13 8.94 25.68 -10.68
CA GLY A 13 10.31 25.86 -11.15
C GLY A 13 10.89 24.52 -11.59
N PRO A 14 12.10 24.50 -12.19
CA PRO A 14 12.64 23.26 -12.75
C PRO A 14 12.93 22.17 -11.71
N ASN A 15 13.07 22.56 -10.44
N ASN A 15 13.06 22.56 -10.43
CA ASN A 15 13.36 21.63 -9.36
CA ASN A 15 13.34 21.61 -9.36
C ASN A 15 12.17 21.43 -8.43
C ASN A 15 12.16 21.43 -8.42
N ASP A 16 10.98 21.96 -8.78
CA ASP A 16 9.76 21.68 -8.02
C ASP A 16 9.22 20.32 -8.47
N SER A 17 9.00 19.39 -7.53
CA SER A 17 8.62 18.03 -7.87
C SER A 17 7.16 18.01 -8.31
N ARG A 18 6.91 17.43 -9.50
CA ARG A 18 5.56 17.26 -10.00
C ARG A 18 5.46 15.84 -10.51
N GLY A 19 4.25 15.34 -10.50
CA GLY A 19 4.01 13.95 -10.82
C GLY A 19 3.09 13.77 -12.00
N PRO A 20 2.54 12.54 -12.15
CA PRO A 20 1.62 12.24 -13.23
C PRO A 20 0.17 12.60 -12.98
N CYS A 21 -0.10 13.14 -11.78
CA CYS A 21 -1.45 13.46 -11.34
C CYS A 21 -1.72 14.96 -11.48
N PRO A 22 -2.66 15.39 -12.35
CA PRO A 22 -3.02 16.80 -12.42
C PRO A 22 -3.69 17.29 -11.14
N GLY A 23 -4.38 16.40 -10.42
CA GLY A 23 -5.06 16.82 -9.19
C GLY A 23 -4.08 17.34 -8.16
N LEU A 24 -3.07 16.52 -7.84
CA LEU A 24 -2.09 16.88 -6.84
C LEU A 24 -1.18 17.97 -7.37
N ASN A 25 -0.83 17.92 -8.66
CA ASN A 25 0.01 18.96 -9.25
C ASN A 25 -0.65 20.34 -9.12
N THR A 26 -1.93 20.39 -9.42
CA THR A 26 -2.68 21.65 -9.33
C THR A 26 -2.69 22.16 -7.89
N LEU A 27 -2.92 21.27 -6.92
CA LEU A 27 -2.91 21.68 -5.53
C LEU A 27 -1.54 22.28 -5.15
N ALA A 28 -0.45 21.66 -5.62
CA ALA A 28 0.89 22.19 -5.35
C ALA A 28 1.10 23.54 -6.04
N ASN A 29 0.56 23.71 -7.26
CA ASN A 29 0.77 24.93 -8.02
C ASN A 29 0.04 26.11 -7.39
N HIS A 30 -0.90 25.82 -6.49
CA HIS A 30 -1.64 26.84 -5.74
C HIS A 30 -1.24 26.89 -4.27
N GLY A 31 -0.24 26.10 -3.86
CA GLY A 31 0.23 26.13 -2.49
C GLY A 31 -0.70 25.47 -1.48
N PHE A 32 -1.69 24.68 -1.92
CA PHE A 32 -2.48 23.88 -1.00
C PHE A 32 -1.65 22.67 -0.52
N LEU A 33 -0.80 22.18 -1.43
CA LEU A 33 0.33 21.33 -1.08
C LEU A 33 1.58 22.17 -1.24
N PRO A 34 2.72 21.78 -0.64
CA PRO A 34 3.96 22.52 -0.77
C PRO A 34 4.29 22.75 -2.23
N ARG A 35 4.64 23.99 -2.57
CA ARG A 35 4.94 24.30 -3.95
C ARG A 35 6.14 23.49 -4.47
N ASN A 36 7.06 23.07 -3.60
CA ASN A 36 8.19 22.31 -4.08
C ASN A 36 7.82 20.84 -4.35
N GLY A 37 6.60 20.44 -4.00
CA GLY A 37 6.13 19.09 -4.30
C GLY A 37 6.80 18.01 -3.46
N ARG A 38 7.43 18.35 -2.31
CA ARG A 38 8.22 17.41 -1.53
CA ARG A 38 8.21 17.40 -1.54
C ARG A 38 7.67 17.28 -0.10
N ASN A 39 8.00 16.16 0.54
CA ASN A 39 7.72 15.92 1.95
C ASN A 39 6.22 15.94 2.20
N ILE A 40 5.46 15.26 1.32
CA ILE A 40 4.00 15.28 1.34
C ILE A 40 3.50 14.01 1.99
N SER A 41 2.71 14.18 3.06
CA SER A 41 2.08 13.08 3.78
C SER A 41 0.63 12.89 3.36
N VAL A 42 0.00 11.78 3.80
CA VAL A 42 -1.40 11.57 3.50
C VAL A 42 -2.24 12.63 4.21
N PRO A 43 -2.00 12.96 5.50
CA PRO A 43 -2.78 14.04 6.13
C PRO A 43 -2.71 15.36 5.34
N MET A 44 -1.55 15.66 4.75
CA MET A 44 -1.43 16.88 3.95
C MET A 44 -2.32 16.79 2.71
N ILE A 45 -2.31 15.63 2.03
CA ILE A 45 -3.16 15.41 0.87
C ILE A 45 -4.65 15.53 1.23
N VAL A 46 -5.05 14.92 2.35
CA VAL A 46 -6.43 14.97 2.80
C VAL A 46 -6.88 16.42 2.99
N LYS A 47 -6.07 17.21 3.68
CA LYS A 47 -6.41 18.60 3.94
C LYS A 47 -6.44 19.39 2.63
N ALA A 48 -5.41 19.23 1.78
CA ALA A 48 -5.33 19.96 0.52
C ALA A 48 -6.50 19.64 -0.41
N GLY A 49 -6.85 18.35 -0.52
CA GLY A 49 -7.95 17.97 -1.39
C GLY A 49 -9.30 18.48 -0.88
N PHE A 50 -9.43 18.53 0.45
CA PHE A 50 -10.64 19.09 1.05
C PHE A 50 -10.73 20.58 0.74
N GLU A 51 -9.65 21.31 1.05
CA GLU A 51 -9.65 22.77 0.90
C GLU A 51 -9.80 23.16 -0.56
N GLY A 52 -9.04 22.51 -1.46
CA GLY A 52 -9.01 22.90 -2.84
C GLY A 52 -10.25 22.48 -3.63
N TYR A 53 -10.75 21.26 -3.36
CA TYR A 53 -11.69 20.61 -4.27
C TYR A 53 -12.96 20.11 -3.58
N ASN A 54 -12.98 20.11 -2.24
CA ASN A 54 -14.05 19.49 -1.45
C ASN A 54 -14.09 17.99 -1.71
N VAL A 55 -12.91 17.41 -1.94
CA VAL A 55 -12.80 15.95 -1.96
C VAL A 55 -12.56 15.46 -0.54
N GLN A 56 -13.29 14.40 -0.16
CA GLN A 56 -13.33 13.93 1.22
C GLN A 56 -12.22 12.93 1.52
N SER A 57 -12.05 12.65 2.82
CA SER A 57 -10.93 11.87 3.31
C SER A 57 -11.04 10.40 2.90
N ASP A 58 -12.25 9.89 2.66
CA ASP A 58 -12.42 8.48 2.32
C ASP A 58 -11.55 8.11 1.11
N ILE A 59 -11.71 8.82 -0.02
CA ILE A 59 -10.96 8.46 -1.22
C ILE A 59 -9.50 8.88 -1.03
N LEU A 60 -9.22 9.98 -0.35
CA LEU A 60 -7.85 10.49 -0.30
C LEU A 60 -6.98 9.66 0.63
N ILE A 61 -7.55 9.08 1.69
CA ILE A 61 -6.82 8.16 2.55
C ILE A 61 -6.51 6.87 1.78
N LEU A 62 -7.52 6.31 1.10
CA LEU A 62 -7.37 5.05 0.38
C LEU A 62 -6.30 5.20 -0.71
N ALA A 63 -6.45 6.21 -1.58
CA ALA A 63 -5.50 6.45 -2.65
C ALA A 63 -4.15 6.94 -2.11
N GLY A 64 -4.19 7.84 -1.13
CA GLY A 64 -2.98 8.41 -0.57
C GLY A 64 -2.03 7.35 -0.02
N LYS A 65 -2.56 6.39 0.77
CA LYS A 65 -1.68 5.40 1.36
C LYS A 65 -1.12 4.46 0.31
N VAL A 66 -1.85 4.22 -0.79
CA VAL A 66 -1.28 3.46 -1.90
C VAL A 66 -0.15 4.29 -2.52
N GLY A 67 -0.37 5.59 -2.69
CA GLY A 67 0.66 6.45 -3.26
C GLY A 67 1.94 6.49 -2.42
N MET A 68 1.80 6.37 -1.09
CA MET A 68 2.93 6.41 -0.19
C MET A 68 3.91 5.30 -0.52
N LEU A 69 3.41 4.18 -1.07
CA LEU A 69 4.28 3.04 -1.36
C LEU A 69 5.37 3.40 -2.37
N THR A 70 5.18 4.46 -3.16
CA THR A 70 6.07 4.77 -4.27
C THR A 70 7.41 5.37 -3.83
N SER A 71 7.52 5.82 -2.58
CA SER A 71 8.74 6.44 -2.08
C SER A 71 9.51 5.45 -1.20
N ARG A 72 10.72 5.88 -0.82
CA ARG A 72 11.55 5.16 0.13
C ARG A 72 11.41 5.73 1.55
N GLU A 73 10.55 6.74 1.73
CA GLU A 73 10.42 7.39 3.03
C GLU A 73 9.31 6.72 3.86
N ALA A 74 9.39 6.91 5.18
CA ALA A 74 8.45 6.31 6.11
C ALA A 74 7.00 6.76 5.93
N ASP A 75 6.74 8.06 5.63
CA ASP A 75 5.39 8.56 5.59
C ASP A 75 5.19 9.76 4.69
N THR A 76 6.08 9.94 3.69
CA THR A 76 5.95 11.06 2.78
C THR A 76 6.38 10.61 1.39
N ILE A 77 5.95 11.38 0.41
CA ILE A 77 6.41 11.25 -0.97
C ILE A 77 6.86 12.62 -1.49
N SER A 78 7.58 12.57 -2.61
CA SER A 78 7.65 13.66 -3.57
CA SER A 78 7.63 13.67 -3.56
C SER A 78 6.60 13.37 -4.64
N LEU A 79 6.00 14.40 -5.23
CA LEU A 79 4.96 14.13 -6.22
C LEU A 79 5.51 13.30 -7.39
N GLU A 80 6.75 13.53 -7.80
CA GLU A 80 7.34 12.79 -8.90
C GLU A 80 7.44 11.29 -8.60
N ASP A 81 7.54 10.92 -7.32
CA ASP A 81 7.58 9.50 -6.95
C ASP A 81 6.39 8.72 -7.49
N LEU A 82 5.22 9.37 -7.61
CA LEU A 82 3.98 8.73 -8.03
C LEU A 82 4.03 8.22 -9.47
N LYS A 83 5.07 8.57 -10.24
CA LYS A 83 5.21 8.03 -11.59
C LYS A 83 5.55 6.53 -11.57
N LEU A 84 5.85 5.95 -10.39
CA LEU A 84 6.27 4.55 -10.31
C LEU A 84 5.25 3.66 -11.01
N HIS A 85 5.69 3.01 -12.09
CA HIS A 85 4.77 2.28 -12.93
C HIS A 85 4.25 1.05 -12.21
N GLY A 86 2.93 0.88 -12.20
CA GLY A 86 2.33 -0.33 -11.66
C GLY A 86 1.97 -0.25 -10.18
N THR A 87 2.22 0.89 -9.52
CA THR A 87 1.59 1.12 -8.23
C THR A 87 0.21 1.72 -8.50
N ILE A 88 0.14 3.04 -8.75
CA ILE A 88 -1.05 3.65 -9.31
C ILE A 88 -0.86 3.94 -10.80
N GLU A 89 0.30 4.47 -11.17
CA GLU A 89 0.54 4.89 -12.55
C GLU A 89 0.32 3.70 -13.49
N HIS A 90 -0.36 3.98 -14.59
CA HIS A 90 -0.82 2.94 -15.51
C HIS A 90 -0.69 3.41 -16.95
N ASP A 91 -0.79 2.44 -17.86
CA ASP A 91 -0.90 2.70 -19.28
C ASP A 91 -2.27 3.28 -19.60
N ALA A 92 -2.41 3.81 -20.82
CA ALA A 92 -3.66 4.36 -21.31
C ALA A 92 -4.12 5.49 -20.39
N SER A 93 -3.17 6.36 -20.02
CA SER A 93 -3.49 7.63 -19.36
C SER A 93 -4.15 8.59 -20.35
N LEU A 94 -4.78 9.64 -19.82
CA LEU A 94 -5.51 10.62 -20.62
C LEU A 94 -4.57 11.67 -21.18
N SER A 95 -3.42 11.89 -20.53
CA SER A 95 -2.58 13.04 -20.85
C SER A 95 -1.09 12.73 -20.79
N ARG A 96 -0.73 11.47 -20.51
CA ARG A 96 0.66 11.03 -20.43
C ARG A 96 0.83 9.84 -21.37
N GLU A 97 2.09 9.56 -21.74
CA GLU A 97 2.41 8.41 -22.58
C GLU A 97 2.62 7.20 -21.68
N ASP A 98 2.50 6.00 -22.25
CA ASP A 98 2.84 4.77 -21.58
C ASP A 98 4.36 4.70 -21.37
N VAL A 99 4.76 4.24 -20.19
CA VAL A 99 6.16 4.29 -19.78
C VAL A 99 7.03 3.46 -20.74
N ALA A 100 6.49 2.37 -21.31
CA ALA A 100 7.32 1.51 -22.16
C ALA A 100 7.70 2.18 -23.47
N ILE A 101 6.91 3.15 -23.92
CA ILE A 101 7.09 3.75 -25.23
C ILE A 101 7.22 5.27 -25.14
N GLY A 102 7.31 5.82 -23.92
CA GLY A 102 7.43 7.26 -23.78
C GLY A 102 7.47 7.73 -22.32
N ASP A 103 7.08 9.00 -22.15
CA ASP A 103 7.16 9.75 -20.90
C ASP A 103 5.84 9.59 -20.14
N ASN A 104 5.89 8.88 -19.00
CA ASN A 104 4.69 8.59 -18.21
C ASN A 104 4.44 9.64 -17.13
N LEU A 105 5.22 10.73 -17.14
CA LEU A 105 5.25 11.71 -16.06
C LEU A 105 4.58 13.02 -16.50
N HIS A 106 5.03 13.61 -17.62
CA HIS A 106 4.66 14.96 -18.01
C HIS A 106 3.41 15.00 -18.89
N PHE A 107 2.66 16.10 -18.80
CA PHE A 107 1.56 16.37 -19.69
C PHE A 107 2.05 16.35 -21.13
N ASN A 108 1.28 15.70 -22.02
CA ASN A 108 1.60 15.56 -23.43
C ASN A 108 0.39 15.97 -24.27
N GLU A 109 0.54 17.04 -25.07
CA GLU A 109 -0.59 17.59 -25.79
C GLU A 109 -1.12 16.58 -26.83
N ALA A 110 -0.23 15.82 -27.47
CA ALA A 110 -0.63 14.87 -28.50
C ALA A 110 -1.52 13.78 -27.91
N ILE A 111 -1.15 13.29 -26.72
CA ILE A 111 -1.98 12.30 -26.03
C ILE A 111 -3.34 12.93 -25.68
N PHE A 112 -3.29 14.15 -25.13
CA PHE A 112 -4.47 14.85 -24.64
C PHE A 112 -5.48 15.17 -25.75
N THR A 113 -5.06 15.12 -27.02
CA THR A 113 -5.95 15.42 -28.14
C THR A 113 -7.26 14.62 -28.07
N THR A 114 -7.18 13.34 -27.71
CA THR A 114 -8.35 12.48 -27.69
C THR A 114 -9.39 13.05 -26.71
N LEU A 115 -8.96 13.37 -25.49
CA LEU A 115 -9.87 13.96 -24.52
C LEU A 115 -10.36 15.32 -25.00
N ALA A 116 -9.45 16.16 -25.49
CA ALA A 116 -9.78 17.53 -25.89
C ALA A 116 -10.86 17.53 -26.97
N ASN A 117 -10.84 16.51 -27.84
CA ASN A 117 -11.74 16.41 -28.98
C ASN A 117 -13.01 15.59 -28.67
N SER A 118 -13.16 15.13 -27.42
CA SER A 118 -14.31 14.31 -27.05
C SER A 118 -15.57 15.16 -26.84
N ASN A 119 -16.73 14.51 -26.83
CA ASN A 119 -18.04 15.13 -26.72
C ASN A 119 -18.20 16.26 -27.73
N PRO A 120 -18.03 15.96 -29.03
CA PRO A 120 -18.30 16.95 -30.07
C PRO A 120 -19.71 17.53 -29.96
N GLY A 121 -19.81 18.84 -30.16
CA GLY A 121 -21.09 19.53 -30.23
C GLY A 121 -21.64 19.96 -28.87
N ALA A 122 -20.82 19.80 -27.82
CA ALA A 122 -21.17 20.23 -26.48
C ALA A 122 -20.03 21.03 -25.89
N ASP A 123 -20.33 21.83 -24.85
CA ASP A 123 -19.29 22.61 -24.19
C ASP A 123 -18.90 21.95 -22.87
N VAL A 124 -19.35 20.70 -22.63
CA VAL A 124 -18.97 19.94 -21.44
C VAL A 124 -18.39 18.60 -21.87
N TYR A 125 -17.53 18.02 -21.02
CA TYR A 125 -17.27 16.59 -21.04
C TYR A 125 -18.25 15.92 -20.08
N ASN A 126 -18.66 14.67 -20.37
CA ASN A 126 -19.62 13.99 -19.51
C ASN A 126 -19.29 12.51 -19.42
N ILE A 127 -20.19 11.70 -18.83
CA ILE A 127 -19.86 10.32 -18.56
C ILE A 127 -19.69 9.54 -19.87
N SER A 128 -20.55 9.79 -20.89
CA SER A 128 -20.43 9.04 -22.13
CA SER A 128 -20.46 9.07 -22.14
C SER A 128 -19.16 9.43 -22.89
N SER A 129 -18.80 10.72 -22.88
CA SER A 129 -17.57 11.15 -23.55
C SER A 129 -16.34 10.58 -22.82
N ALA A 130 -16.37 10.60 -21.48
CA ALA A 130 -15.24 10.09 -20.70
C ALA A 130 -15.03 8.61 -21.02
N ALA A 131 -16.13 7.85 -21.14
CA ALA A 131 -16.07 6.42 -21.46
C ALA A 131 -15.46 6.19 -22.83
N GLN A 132 -15.87 6.99 -23.81
CA GLN A 132 -15.35 6.88 -25.18
C GLN A 132 -13.85 7.15 -25.20
N VAL A 133 -13.42 8.18 -24.48
CA VAL A 133 -12.01 8.50 -24.39
C VAL A 133 -11.24 7.31 -23.81
N GLN A 134 -11.75 6.73 -22.71
CA GLN A 134 -11.05 5.59 -22.12
C GLN A 134 -10.92 4.43 -23.12
N HIS A 135 -12.00 4.12 -23.82
CA HIS A 135 -11.99 3.07 -24.83
C HIS A 135 -10.89 3.33 -25.86
N ASP A 136 -10.83 4.57 -26.34
CA ASP A 136 -9.92 4.93 -27.42
C ASP A 136 -8.46 4.94 -26.93
N ARG A 137 -8.22 5.47 -25.71
CA ARG A 137 -6.88 5.48 -25.14
C ARG A 137 -6.38 4.05 -24.94
N LEU A 138 -7.23 3.14 -24.41
CA LEU A 138 -6.81 1.76 -24.23
C LEU A 138 -6.50 1.13 -25.58
N ALA A 139 -7.36 1.38 -26.58
CA ALA A 139 -7.08 0.84 -27.91
C ALA A 139 -5.74 1.31 -28.45
N ASP A 140 -5.36 2.56 -28.18
CA ASP A 140 -4.09 3.09 -28.63
C ASP A 140 -2.95 2.33 -27.96
N SER A 141 -3.04 2.09 -26.65
CA SER A 141 -1.99 1.36 -25.96
C SER A 141 -1.89 -0.08 -26.47
N VAL A 142 -3.04 -0.72 -26.74
CA VAL A 142 -3.02 -2.08 -27.25
C VAL A 142 -2.35 -2.11 -28.62
N ALA A 143 -2.58 -1.06 -29.41
CA ALA A 143 -2.01 -0.97 -30.75
C ALA A 143 -0.50 -0.76 -30.72
N ARG A 144 0.01 0.08 -29.81
CA ARG A 144 1.33 0.63 -29.96
C ARG A 144 2.30 0.21 -28.87
N ASN A 145 1.80 -0.32 -27.74
CA ASN A 145 2.68 -0.61 -26.63
C ASN A 145 2.82 -2.12 -26.41
N PRO A 146 3.99 -2.74 -26.74
CA PRO A 146 4.12 -4.19 -26.61
C PRO A 146 4.16 -4.69 -25.17
N ASN A 147 4.25 -3.77 -24.20
CA ASN A 147 4.26 -4.08 -22.78
C ASN A 147 2.98 -3.63 -22.08
N VAL A 148 1.91 -3.34 -22.83
CA VAL A 148 0.66 -2.82 -22.29
C VAL A 148 0.14 -3.68 -21.14
N THR A 149 -0.32 -3.02 -20.07
CA THR A 149 -0.95 -3.69 -18.94
C THR A 149 -2.37 -3.13 -18.82
N ASN A 150 -3.35 -4.03 -18.82
CA ASN A 150 -4.77 -3.70 -18.77
C ASN A 150 -5.48 -4.74 -17.91
N THR A 151 -5.83 -4.35 -16.68
CA THR A 151 -6.44 -5.24 -15.70
C THR A 151 -7.73 -4.61 -15.16
N ASP A 152 -8.53 -5.39 -14.43
CA ASP A 152 -9.69 -4.81 -13.76
C ASP A 152 -9.25 -3.61 -12.93
N LEU A 153 -8.10 -3.74 -12.25
CA LEU A 153 -7.63 -2.69 -11.37
C LEU A 153 -7.27 -1.44 -12.17
N THR A 154 -6.48 -1.55 -13.24
CA THR A 154 -6.13 -0.36 -14.00
C THR A 154 -7.37 0.28 -14.59
N ALA A 155 -8.33 -0.54 -15.04
CA ALA A 155 -9.55 -0.01 -15.64
C ALA A 155 -10.35 0.79 -14.61
N THR A 156 -10.41 0.26 -13.38
CA THR A 156 -11.12 0.94 -12.29
C THR A 156 -10.43 2.25 -11.96
N ILE A 157 -9.10 2.23 -11.84
CA ILE A 157 -8.34 3.43 -11.54
C ILE A 157 -8.59 4.49 -12.61
N ARG A 158 -8.55 4.06 -13.88
CA ARG A 158 -8.79 4.98 -14.98
C ARG A 158 -10.18 5.62 -14.89
N SER A 159 -11.23 4.83 -14.63
CA SER A 159 -12.56 5.40 -14.49
C SER A 159 -12.64 6.34 -13.28
N SER A 160 -11.90 6.02 -12.21
CA SER A 160 -11.83 6.90 -11.03
C SER A 160 -11.25 8.25 -11.40
N GLU A 161 -10.21 8.23 -12.23
CA GLU A 161 -9.55 9.47 -12.64
C GLU A 161 -10.47 10.30 -13.54
N SER A 162 -11.18 9.65 -14.46
CA SER A 162 -12.17 10.35 -15.27
C SER A 162 -13.28 10.92 -14.38
N ALA A 163 -13.73 10.17 -13.38
CA ALA A 163 -14.74 10.67 -12.46
C ALA A 163 -14.22 11.90 -11.71
N PHE A 164 -12.93 11.90 -11.35
CA PHE A 164 -12.34 13.04 -10.68
C PHE A 164 -12.44 14.28 -11.54
N TYR A 165 -12.03 14.21 -12.82
CA TYR A 165 -12.03 15.44 -13.60
C TYR A 165 -13.45 15.92 -13.86
N LEU A 166 -14.42 15.00 -13.99
CA LEU A 166 -15.81 15.38 -14.23
C LEU A 166 -16.42 16.06 -13.00
N THR A 167 -15.99 15.67 -11.80
CA THR A 167 -16.61 16.15 -10.58
C THR A 167 -15.88 17.37 -10.02
N VAL A 168 -14.55 17.30 -9.90
CA VAL A 168 -13.82 18.37 -9.24
C VAL A 168 -13.87 19.65 -10.07
N MET A 169 -13.89 19.52 -11.40
CA MET A 169 -13.89 20.68 -12.30
C MET A 169 -15.31 20.97 -12.81
N SER A 170 -16.33 20.47 -12.12
CA SER A 170 -17.72 20.75 -12.48
C SER A 170 -18.07 22.22 -12.26
N ALA A 171 -19.17 22.62 -12.87
CA ALA A 171 -19.72 23.96 -12.68
C ALA A 171 -20.60 24.01 -11.43
N GLY A 172 -20.43 23.05 -10.52
CA GLY A 172 -20.90 23.20 -9.15
C GLY A 172 -21.83 22.09 -8.67
N ASP A 173 -22.43 21.27 -9.55
CA ASP A 173 -23.14 20.11 -9.03
C ASP A 173 -22.45 18.85 -9.53
N PRO A 174 -21.49 18.31 -8.75
CA PRO A 174 -20.69 17.18 -9.20
C PRO A 174 -21.49 15.90 -9.45
N LEU A 175 -22.70 15.77 -8.88
CA LEU A 175 -23.57 14.62 -9.14
C LEU A 175 -23.87 14.48 -10.64
N ARG A 176 -23.86 15.58 -11.39
CA ARG A 176 -24.28 15.55 -12.79
C ARG A 176 -23.28 14.80 -13.67
N GLY A 177 -22.05 14.64 -13.19
CA GLY A 177 -21.02 13.92 -13.94
C GLY A 177 -20.72 14.62 -15.27
N GLU A 178 -20.63 15.94 -15.21
CA GLU A 178 -20.25 16.72 -16.38
C GLU A 178 -19.50 17.96 -15.91
N ALA A 179 -18.55 18.40 -16.75
CA ALA A 179 -17.67 19.51 -16.42
C ALA A 179 -17.41 20.32 -17.68
N PRO A 180 -17.43 21.66 -17.57
CA PRO A 180 -17.08 22.49 -18.71
C PRO A 180 -15.71 22.13 -19.28
N LYS A 181 -15.65 21.98 -20.60
CA LYS A 181 -14.40 21.77 -21.30
C LYS A 181 -13.37 22.86 -20.95
N LYS A 182 -13.84 24.11 -20.86
CA LYS A 182 -12.91 25.20 -20.58
C LYS A 182 -12.19 24.97 -19.25
N PHE A 183 -12.89 24.41 -18.24
CA PHE A 183 -12.30 24.17 -16.93
C PHE A 183 -11.37 22.95 -16.97
N VAL A 184 -11.84 21.84 -17.54
CA VAL A 184 -11.05 20.61 -17.60
C VAL A 184 -9.76 20.83 -18.41
N ASN A 185 -9.85 21.58 -19.52
CA ASN A 185 -8.67 21.81 -20.36
C ASN A 185 -7.59 22.60 -19.60
N VAL A 186 -8.00 23.60 -18.81
CA VAL A 186 -7.06 24.37 -18.00
C VAL A 186 -6.42 23.47 -16.96
N PHE A 187 -7.25 22.64 -16.31
CA PHE A 187 -6.80 21.72 -15.29
C PHE A 187 -5.67 20.84 -15.82
N PHE A 188 -5.86 20.23 -16.99
CA PHE A 188 -4.84 19.33 -17.53
C PHE A 188 -3.65 20.10 -18.13
N GLN A 189 -3.95 21.14 -18.93
CA GLN A 189 -2.93 21.77 -19.75
C GLN A 189 -2.02 22.67 -18.92
N GLU A 190 -2.54 23.28 -17.84
CA GLU A 190 -1.81 24.24 -17.05
C GLU A 190 -1.69 23.80 -15.59
N GLU A 191 -2.43 22.75 -15.18
CA GLU A 191 -2.46 22.31 -13.78
C GLU A 191 -2.70 23.57 -12.92
N ARG A 192 -3.81 24.21 -13.28
CA ARG A 192 -4.29 25.43 -12.64
C ARG A 192 -5.80 25.30 -12.36
N MET A 193 -6.24 25.85 -11.23
CA MET A 193 -7.66 25.98 -10.96
C MET A 193 -8.18 27.13 -11.82
N PRO A 194 -9.22 26.90 -12.65
CA PRO A 194 -9.67 27.90 -13.61
C PRO A 194 -10.53 29.00 -12.97
N ILE A 195 -9.94 29.76 -12.05
CA ILE A 195 -10.68 30.72 -11.24
C ILE A 195 -11.15 31.90 -12.10
N LYS A 196 -10.24 32.47 -12.91
CA LYS A 196 -10.63 33.60 -13.74
C LYS A 196 -11.65 33.17 -14.80
N GLU A 197 -11.66 31.87 -15.13
CA GLU A 197 -12.59 31.34 -16.11
C GLU A 197 -13.98 31.09 -15.51
N GLY A 198 -14.09 31.13 -14.17
CA GLY A 198 -15.37 31.04 -13.50
C GLY A 198 -15.54 29.80 -12.63
N TRP A 199 -14.49 28.97 -12.49
CA TRP A 199 -14.61 27.77 -11.67
C TRP A 199 -14.63 28.15 -10.20
N LYS A 200 -15.43 27.39 -9.44
CA LYS A 200 -15.46 27.50 -8.00
C LYS A 200 -15.44 26.09 -7.39
N ARG A 201 -14.74 25.94 -6.27
CA ARG A 201 -14.74 24.73 -5.47
C ARG A 201 -16.18 24.24 -5.28
N SER A 202 -16.41 22.94 -5.48
CA SER A 202 -17.71 22.34 -5.28
C SER A 202 -18.20 22.60 -3.85
N THR A 203 -19.50 22.97 -3.72
CA THR A 203 -20.12 23.09 -2.41
C THR A 203 -20.69 21.75 -1.96
N THR A 204 -20.69 20.75 -2.87
CA THR A 204 -21.10 19.38 -2.56
C THR A 204 -19.85 18.54 -2.31
N PRO A 205 -19.78 17.82 -1.17
CA PRO A 205 -18.66 16.93 -0.89
C PRO A 205 -18.55 15.85 -1.98
N ILE A 206 -17.31 15.63 -2.43
CA ILE A 206 -16.99 14.58 -3.38
C ILE A 206 -16.33 13.44 -2.62
N ASN A 207 -17.07 12.34 -2.44
CA ASN A 207 -16.64 11.20 -1.65
C ASN A 207 -16.90 9.90 -2.43
N LEU A 208 -16.59 8.75 -1.84
CA LEU A 208 -16.73 7.48 -2.53
C LEU A 208 -18.19 7.21 -2.91
N PRO A 209 -19.19 7.45 -2.02
CA PRO A 209 -20.58 7.26 -2.40
C PRO A 209 -21.01 8.07 -3.63
N LEU A 210 -20.47 9.31 -3.79
CA LEU A 210 -20.81 10.12 -4.94
C LEU A 210 -20.12 9.58 -6.18
N LEU A 211 -18.84 9.23 -6.07
CA LEU A 211 -18.06 8.85 -7.24
C LEU A 211 -18.44 7.45 -7.73
N GLY A 212 -18.86 6.57 -6.82
CA GLY A 212 -19.02 5.17 -7.14
C GLY A 212 -19.85 4.93 -8.41
N PRO A 213 -21.10 5.42 -8.46
CA PRO A 213 -21.96 5.18 -9.61
C PRO A 213 -21.43 5.83 -10.88
N ILE A 214 -20.71 6.94 -10.75
CA ILE A 214 -20.11 7.61 -11.91
C ILE A 214 -19.02 6.72 -12.48
N ILE A 215 -18.15 6.22 -11.60
CA ILE A 215 -17.09 5.31 -11.98
C ILE A 215 -17.68 4.11 -12.71
N ASP A 216 -18.70 3.50 -12.11
CA ASP A 216 -19.28 2.29 -12.67
C ASP A 216 -19.93 2.55 -14.02
N ARG A 217 -20.58 3.71 -14.19
CA ARG A 217 -21.23 4.04 -15.45
C ARG A 217 -20.18 4.28 -16.54
N ILE A 218 -19.08 4.96 -16.20
CA ILE A 218 -18.01 5.19 -17.17
C ILE A 218 -17.47 3.84 -17.63
N THR A 219 -17.19 2.94 -16.69
CA THR A 219 -16.69 1.61 -17.05
C THR A 219 -17.68 0.92 -17.99
N GLU A 220 -18.97 0.92 -17.61
CA GLU A 220 -19.99 0.23 -18.38
C GLU A 220 -20.04 0.75 -19.81
N LEU A 221 -19.98 2.07 -20.01
CA LEU A 221 -20.12 2.65 -21.34
C LEU A 221 -18.84 2.50 -22.16
N SER A 222 -17.71 2.15 -21.52
CA SER A 222 -16.44 2.11 -22.22
C SER A 222 -16.24 0.81 -23.01
N ASP A 223 -17.17 -0.15 -22.87
CA ASP A 223 -17.07 -1.43 -23.58
C ASP A 223 -15.71 -2.07 -23.28
N TRP A 224 -15.39 -2.14 -21.97
CA TRP A 224 -14.11 -2.67 -21.51
C TRP A 224 -14.20 -4.19 -21.42
N LYS A 225 -13.12 -4.87 -21.79
CA LYS A 225 -13.04 -6.31 -21.65
C LYS A 225 -11.64 -6.69 -21.17
N PRO A 226 -11.48 -7.80 -20.41
CA PRO A 226 -10.14 -8.30 -20.10
C PRO A 226 -9.43 -8.71 -21.40
N THR A 227 -8.11 -8.51 -21.42
CA THR A 227 -7.30 -8.74 -22.62
C THR A 227 -6.14 -9.69 -22.37
N GLY A 228 -5.84 -10.01 -21.12
CA GLY A 228 -4.57 -10.63 -20.73
C GLY A 228 -4.59 -11.07 -19.26
N ASP A 229 -3.50 -10.83 -18.51
CA ASP A 229 -3.31 -11.47 -17.21
C ASP A 229 -4.52 -11.27 -16.29
N ASN A 230 -4.94 -10.01 -16.20
CA ASN A 230 -6.03 -9.55 -15.34
C ASN A 230 -5.75 -9.74 -13.84
N CYS A 231 -4.47 -9.90 -13.44
CA CYS A 231 -4.11 -9.94 -12.03
C CYS A 231 -3.88 -8.51 -11.54
N GLY A 232 -4.63 -8.08 -10.53
CA GLY A 232 -4.60 -6.70 -10.09
C GLY A 232 -3.49 -6.45 -9.07
N ALA A 233 -2.27 -6.92 -9.37
CA ALA A 233 -1.14 -6.84 -8.45
C ALA A 233 -0.48 -5.47 -8.59
N ILE A 234 -0.27 -4.78 -7.48
CA ILE A 234 0.44 -3.52 -7.50
C ILE A 234 1.90 -3.74 -7.10
N VAL A 235 2.73 -2.81 -7.57
CA VAL A 235 4.11 -2.71 -7.14
C VAL A 235 4.14 -2.11 -5.74
N LEU A 236 4.82 -2.79 -4.80
CA LEU A 236 4.65 -2.47 -3.38
C LEU A 236 5.70 -1.48 -2.88
N GLY A 237 6.69 -1.16 -3.70
CA GLY A 237 7.69 -0.18 -3.36
C GLY A 237 8.66 0.00 -4.53
N PRO A 238 9.51 1.04 -4.50
CA PRO A 238 10.47 1.27 -5.59
C PRO A 238 11.65 0.30 -5.51
N GLY A 239 12.32 0.10 -6.64
CA GLY A 239 13.57 -0.66 -6.67
C GLY A 239 13.43 -2.10 -6.21
N LEU A 240 12.22 -2.67 -6.38
CA LEU A 240 12.03 -4.11 -6.29
C LEU A 240 12.04 -4.67 -7.72
N ALA B 1 22.39 1.41 22.80
CA ALA B 1 21.94 2.47 23.74
C ALA B 1 20.44 2.35 24.02
N VAL B 2 20.00 1.18 24.50
CA VAL B 2 18.58 0.94 24.77
C VAL B 2 18.45 0.41 26.21
N ASP B 3 17.54 1.02 26.99
CA ASP B 3 17.30 0.64 28.37
C ASP B 3 16.09 -0.30 28.47
N PHE B 4 16.38 -1.61 28.44
CA PHE B 4 15.32 -2.60 28.43
C PHE B 4 14.66 -2.66 29.80
N SER B 5 15.35 -2.22 30.87
CA SER B 5 14.74 -2.18 32.19
C SER B 5 13.59 -1.17 32.20
N ALA B 6 13.64 -0.15 31.32
CA ALA B 6 12.55 0.81 31.20
C ALA B 6 11.43 0.28 30.29
N HIS B 7 11.58 -0.95 29.78
CA HIS B 7 10.62 -1.52 28.85
C HIS B 7 10.19 -2.89 29.34
N PRO B 8 9.53 -2.98 30.52
CA PRO B 8 9.09 -4.27 31.04
C PRO B 8 7.95 -4.85 30.22
N TRP B 9 7.91 -6.18 30.11
CA TRP B 9 6.76 -6.89 29.59
C TRP B 9 5.56 -6.71 30.52
N LYS B 10 4.41 -6.35 29.93
CA LYS B 10 3.14 -6.35 30.65
C LYS B 10 2.10 -7.01 29.76
N ALA B 11 1.28 -7.88 30.38
CA ALA B 11 0.22 -8.56 29.67
C ALA B 11 -0.75 -7.52 29.11
N PRO B 12 -1.22 -7.66 27.85
CA PRO B 12 -2.16 -6.70 27.27
C PRO B 12 -3.48 -6.74 28.04
N GLY B 13 -4.02 -5.56 28.30
CA GLY B 13 -5.32 -5.41 28.94
C GLY B 13 -6.45 -5.64 27.94
N PRO B 14 -7.72 -5.57 28.41
CA PRO B 14 -8.85 -6.01 27.58
C PRO B 14 -9.14 -5.07 26.41
N ASN B 15 -8.74 -3.80 26.52
CA ASN B 15 -9.00 -2.81 25.48
C ASN B 15 -7.75 -2.59 24.61
N ASP B 16 -6.68 -3.35 24.85
CA ASP B 16 -5.41 -3.18 24.14
C ASP B 16 -5.51 -3.90 22.80
N SER B 17 -5.19 -3.19 21.71
CA SER B 17 -5.27 -3.78 20.38
C SER B 17 -4.02 -4.62 20.11
N ARG B 18 -4.24 -5.86 19.69
CA ARG B 18 -3.16 -6.77 19.32
C ARG B 18 -3.54 -7.39 17.98
N GLY B 19 -2.51 -7.77 17.22
CA GLY B 19 -2.74 -8.23 15.85
C GLY B 19 -2.25 -9.65 15.63
N PRO B 20 -2.06 -10.03 14.35
CA PRO B 20 -1.54 -11.35 14.02
C PRO B 20 -0.03 -11.47 13.98
N CYS B 21 0.66 -10.36 14.27
CA CYS B 21 2.11 -10.30 14.20
C CYS B 21 2.72 -10.38 15.60
N PRO B 22 3.47 -11.44 15.94
CA PRO B 22 4.15 -11.49 17.22
C PRO B 22 5.25 -10.44 17.36
N GLY B 23 5.86 -10.01 16.23
CA GLY B 23 6.90 -9.00 16.31
C GLY B 23 6.36 -7.68 16.87
N LEU B 24 5.29 -7.16 16.26
CA LEU B 24 4.75 -5.88 16.69
C LEU B 24 4.03 -6.05 18.03
N ASN B 25 3.34 -7.19 18.24
CA ASN B 25 2.67 -7.42 19.52
C ASN B 25 3.67 -7.41 20.67
N THR B 26 4.83 -8.05 20.48
CA THR B 26 5.86 -8.08 21.50
C THR B 26 6.38 -6.68 21.77
N LEU B 27 6.62 -5.87 20.72
CA LEU B 27 7.07 -4.50 20.93
C LEU B 27 6.04 -3.71 21.75
N ALA B 28 4.74 -3.90 21.46
CA ALA B 28 3.70 -3.22 22.23
C ALA B 28 3.69 -3.71 23.67
N ASN B 29 3.92 -5.01 23.88
CA ASN B 29 3.85 -5.58 25.23
C ASN B 29 4.99 -5.08 26.11
N HIS B 30 6.02 -4.51 25.49
CA HIS B 30 7.15 -3.93 26.19
C HIS B 30 7.16 -2.40 26.13
N GLY B 31 6.12 -1.78 25.54
CA GLY B 31 6.03 -0.34 25.47
C GLY B 31 7.02 0.31 24.49
N PHE B 32 7.63 -0.46 23.58
CA PHE B 32 8.41 0.13 22.49
C PHE B 32 7.46 0.72 21.45
N LEU B 33 6.29 0.07 21.27
CA LEU B 33 5.11 0.68 20.69
C LEU B 33 4.13 0.96 21.82
N PRO B 34 3.13 1.84 21.61
CA PRO B 34 2.11 2.07 22.64
C PRO B 34 1.51 0.76 23.12
N ARG B 35 1.38 0.63 24.45
CA ARG B 35 0.87 -0.60 25.02
C ARG B 35 -0.56 -0.83 24.56
N ASN B 36 -1.31 0.22 24.23
CA ASN B 36 -2.69 0.04 23.83
C ASN B 36 -2.80 -0.45 22.38
N GLY B 37 -1.67 -0.49 21.67
CA GLY B 37 -1.67 -1.01 20.30
C GLY B 37 -2.39 -0.12 19.29
N ARG B 38 -2.58 1.17 19.60
CA ARG B 38 -3.40 2.06 18.78
C ARG B 38 -2.59 3.26 18.30
N ASN B 39 -3.05 3.83 17.19
CA ASN B 39 -2.49 5.04 16.57
C ASN B 39 -0.98 4.85 16.33
N ILE B 40 -0.65 3.75 15.65
CA ILE B 40 0.73 3.36 15.38
C ILE B 40 1.08 3.71 13.94
N SER B 41 2.12 4.54 13.79
CA SER B 41 2.57 5.05 12.50
C SER B 41 3.79 4.26 12.03
N VAL B 42 4.19 4.46 10.77
CA VAL B 42 5.38 3.80 10.29
C VAL B 42 6.61 4.32 11.02
N PRO B 43 6.78 5.65 11.26
CA PRO B 43 7.93 6.12 12.03
C PRO B 43 8.03 5.46 13.40
N MET B 44 6.87 5.22 14.05
CA MET B 44 6.87 4.56 15.35
C MET B 44 7.36 3.12 15.23
N ILE B 45 6.92 2.41 14.18
CA ILE B 45 7.36 1.04 13.94
C ILE B 45 8.87 1.00 13.67
N VAL B 46 9.38 1.93 12.84
CA VAL B 46 10.79 2.00 12.54
C VAL B 46 11.62 2.15 13.82
N LYS B 47 11.23 3.09 14.67
CA LYS B 47 11.97 3.34 15.90
C LYS B 47 11.86 2.13 16.84
N ALA B 48 10.65 1.60 17.01
CA ALA B 48 10.42 0.48 17.93
C ALA B 48 11.20 -0.76 17.47
N GLY B 49 11.18 -1.06 16.16
CA GLY B 49 11.89 -2.23 15.68
C GLY B 49 13.40 -2.09 15.84
N PHE B 50 13.91 -0.85 15.68
CA PHE B 50 15.31 -0.58 15.88
C PHE B 50 15.67 -0.79 17.36
N GLU B 51 14.92 -0.14 18.25
CA GLU B 51 15.25 -0.17 19.67
C GLU B 51 15.10 -1.58 20.23
N GLY B 52 14.00 -2.25 19.89
CA GLY B 52 13.71 -3.56 20.46
C GLY B 52 14.59 -4.68 19.90
N TYR B 53 14.82 -4.67 18.56
CA TYR B 53 15.30 -5.85 17.86
C TYR B 53 16.54 -5.59 17.00
N ASN B 54 16.91 -4.31 16.83
CA ASN B 54 17.94 -3.90 15.89
C ASN B 54 17.52 -4.26 14.46
N VAL B 55 16.22 -4.18 14.18
CA VAL B 55 15.72 -4.32 12.81
C VAL B 55 15.74 -2.93 12.17
N GLN B 56 16.23 -2.85 10.94
CA GLN B 56 16.51 -1.58 10.28
C GLN B 56 15.31 -1.06 9.48
N SER B 57 15.42 0.20 9.04
CA SER B 57 14.31 0.92 8.45
C SER B 57 13.95 0.39 7.06
N ASP B 58 14.90 -0.24 6.36
CA ASP B 58 14.62 -0.73 5.00
C ASP B 58 13.39 -1.64 5.01
N ILE B 59 13.41 -2.70 5.84
CA ILE B 59 12.31 -3.63 5.86
C ILE B 59 11.08 -3.01 6.55
N LEU B 60 11.29 -2.17 7.57
CA LEU B 60 10.14 -1.69 8.34
C LEU B 60 9.38 -0.59 7.59
N ILE B 61 10.07 0.22 6.77
CA ILE B 61 9.34 1.17 5.92
C ILE B 61 8.52 0.42 4.88
N LEU B 62 9.14 -0.56 4.20
CA LEU B 62 8.48 -1.29 3.13
C LEU B 62 7.25 -2.03 3.65
N ALA B 63 7.43 -2.82 4.72
CA ALA B 63 6.33 -3.56 5.30
C ALA B 63 5.33 -2.64 6.00
N GLY B 64 5.85 -1.64 6.72
CA GLY B 64 5.03 -0.72 7.47
C GLY B 64 4.00 -0.01 6.60
N LYS B 65 4.43 0.52 5.44
CA LYS B 65 3.50 1.25 4.59
C LYS B 65 2.47 0.32 3.95
N VAL B 66 2.82 -0.94 3.68
CA VAL B 66 1.84 -1.90 3.24
C VAL B 66 0.85 -2.16 4.38
N GLY B 67 1.36 -2.30 5.61
CA GLY B 67 0.50 -2.51 6.77
C GLY B 67 -0.48 -1.35 6.99
N MET B 68 -0.06 -0.13 6.66
CA MET B 68 -0.92 1.04 6.83
C MET B 68 -2.20 0.92 6.01
N LEU B 69 -2.17 0.16 4.90
CA LEU B 69 -3.35 0.04 4.05
C LEU B 69 -4.54 -0.59 4.79
N THR B 70 -4.25 -1.32 5.89
CA THR B 70 -5.28 -2.14 6.54
C THR B 70 -6.24 -1.32 7.40
N SER B 71 -5.92 -0.06 7.71
CA SER B 71 -6.80 0.79 8.50
C SER B 71 -7.58 1.76 7.61
N ARG B 72 -8.50 2.48 8.26
CA ARG B 72 -9.23 3.59 7.65
C ARG B 72 -8.61 4.94 7.98
N GLU B 73 -7.48 4.98 8.69
CA GLU B 73 -6.88 6.23 9.13
C GLU B 73 -5.81 6.66 8.11
N ALA B 74 -5.44 7.94 8.18
CA ALA B 74 -4.56 8.53 7.18
C ALA B 74 -3.14 7.97 7.26
N ASP B 75 -2.61 7.73 8.48
CA ASP B 75 -1.20 7.41 8.65
C ASP B 75 -0.92 6.57 9.90
N THR B 76 -1.94 5.88 10.43
CA THR B 76 -1.77 5.01 11.58
C THR B 76 -2.64 3.78 11.40
N ILE B 77 -2.33 2.76 12.18
CA ILE B 77 -3.14 1.57 12.36
C ILE B 77 -3.36 1.30 13.85
N SER B 78 -4.33 0.45 14.14
CA SER B 78 -4.37 -0.34 15.35
CA SER B 78 -4.37 -0.34 15.35
C SER B 78 -3.75 -1.69 14.98
N LEU B 79 -3.06 -2.33 15.93
CA LEU B 79 -2.41 -3.59 15.58
C LEU B 79 -3.42 -4.60 15.05
N GLU B 80 -4.64 -4.66 15.61
CA GLU B 80 -5.64 -5.62 15.17
C GLU B 80 -6.00 -5.42 13.69
N ASP B 81 -5.87 -4.19 13.16
CA ASP B 81 -6.18 -3.93 11.76
C ASP B 81 -5.39 -4.86 10.83
N LEU B 82 -4.18 -5.24 11.23
CA LEU B 82 -3.28 -6.04 10.40
C LEU B 82 -3.82 -7.43 10.08
N LYS B 83 -4.91 -7.85 10.75
CA LYS B 83 -5.53 -9.13 10.45
C LYS B 83 -6.21 -9.12 9.08
N LEU B 84 -6.31 -7.95 8.40
CA LEU B 84 -7.05 -7.86 7.16
C LEU B 84 -6.49 -8.87 6.16
N HIS B 85 -7.34 -9.84 5.77
CA HIS B 85 -6.85 -10.94 4.97
C HIS B 85 -6.49 -10.45 3.56
N GLY B 86 -5.29 -10.82 3.11
CA GLY B 86 -4.89 -10.58 1.74
C GLY B 86 -4.16 -9.26 1.53
N THR B 87 -3.90 -8.50 2.60
CA THR B 87 -2.97 -7.39 2.51
C THR B 87 -1.59 -7.97 2.81
N ILE B 88 -1.27 -8.16 4.10
CA ILE B 88 -0.12 -8.96 4.49
C ILE B 88 -0.60 -10.30 5.04
N GLU B 89 -1.66 -10.30 5.86
CA GLU B 89 -2.12 -11.52 6.49
C GLU B 89 -2.44 -12.56 5.43
N HIS B 90 -2.01 -13.80 5.70
CA HIS B 90 -2.03 -14.90 4.74
C HIS B 90 -2.39 -16.21 5.43
N ASP B 91 -2.81 -17.16 4.59
CA ASP B 91 -3.01 -18.54 4.98
C ASP B 91 -1.67 -19.19 5.30
N ALA B 92 -1.72 -20.35 5.97
CA ALA B 92 -0.55 -21.12 6.31
C ALA B 92 0.40 -20.29 7.17
N SER B 93 -0.18 -19.62 8.17
CA SER B 93 0.59 -18.98 9.23
C SER B 93 1.18 -20.03 10.17
N LEU B 94 2.19 -19.63 10.95
CA LEU B 94 2.90 -20.52 11.86
C LEU B 94 2.14 -20.73 13.15
N SER B 95 1.29 -19.76 13.51
CA SER B 95 0.69 -19.76 14.85
C SER B 95 -0.77 -19.31 14.85
N ARG B 96 -1.33 -19.01 13.68
CA ARG B 96 -2.72 -18.60 13.54
C ARG B 96 -3.41 -19.54 12.54
N GLU B 97 -4.74 -19.56 12.57
CA GLU B 97 -5.53 -20.37 11.66
C GLU B 97 -5.80 -19.55 10.40
N ASP B 98 -6.14 -20.23 9.30
CA ASP B 98 -6.59 -19.58 8.09
C ASP B 98 -7.96 -18.95 8.32
N VAL B 99 -8.15 -17.74 7.80
CA VAL B 99 -9.36 -16.97 8.07
C VAL B 99 -10.61 -17.71 7.59
N ALA B 100 -10.51 -18.49 6.50
CA ALA B 100 -11.68 -19.15 5.94
C ALA B 100 -12.19 -20.26 6.86
N ILE B 101 -11.32 -20.82 7.70
CA ILE B 101 -11.69 -21.98 8.52
C ILE B 101 -11.42 -21.72 10.00
N GLY B 102 -11.10 -20.48 10.40
CA GLY B 102 -10.81 -20.21 11.80
C GLY B 102 -10.39 -18.76 12.08
N ASP B 103 -9.68 -18.62 13.19
CA ASP B 103 -9.24 -17.36 13.77
C ASP B 103 -7.84 -17.01 13.23
N ASN B 104 -7.78 -15.96 12.38
CA ASN B 104 -6.54 -15.56 11.73
C ASN B 104 -5.80 -14.49 12.53
N LEU B 105 -6.26 -14.20 13.76
CA LEU B 105 -5.78 -13.09 14.57
C LEU B 105 -4.97 -13.60 15.76
N HIS B 106 -5.52 -14.53 16.57
CA HIS B 106 -4.94 -14.88 17.86
C HIS B 106 -3.98 -16.07 17.77
N PHE B 107 -2.99 -16.06 18.67
CA PHE B 107 -2.09 -17.20 18.82
C PHE B 107 -2.91 -18.46 19.12
N ASN B 108 -2.59 -19.55 18.42
CA ASN B 108 -3.31 -20.82 18.54
C ASN B 108 -2.30 -21.93 18.79
N GLU B 109 -2.37 -22.55 19.99
CA GLU B 109 -1.38 -23.51 20.40
C GLU B 109 -1.39 -24.74 19.47
N ALA B 110 -2.57 -25.18 19.02
CA ALA B 110 -2.65 -26.37 18.16
C ALA B 110 -1.91 -26.12 16.85
N ILE B 111 -2.09 -24.94 16.26
CA ILE B 111 -1.37 -24.59 15.02
C ILE B 111 0.13 -24.59 15.31
N PHE B 112 0.54 -23.93 16.42
CA PHE B 112 1.93 -23.73 16.77
C PHE B 112 2.67 -25.07 17.00
N THR B 113 1.94 -26.16 17.24
CA THR B 113 2.53 -27.46 17.49
C THR B 113 3.54 -27.85 16.41
N THR B 114 3.25 -27.55 15.13
CA THR B 114 4.13 -27.93 14.05
C THR B 114 5.49 -27.26 14.24
N LEU B 115 5.49 -25.93 14.47
CA LEU B 115 6.76 -25.25 14.71
C LEU B 115 7.43 -25.77 15.99
N ALA B 116 6.65 -25.93 17.06
CA ALA B 116 7.19 -26.31 18.36
C ALA B 116 7.90 -27.67 18.29
N ASN B 117 7.40 -28.54 17.42
CA ASN B 117 7.89 -29.92 17.29
C ASN B 117 8.98 -30.04 16.21
N SER B 118 9.35 -28.93 15.56
CA SER B 118 10.32 -28.96 14.47
C SER B 118 11.74 -29.08 15.03
N ASN B 119 12.67 -29.46 14.14
CA ASN B 119 14.08 -29.68 14.45
C ASN B 119 14.24 -30.55 15.70
N PRO B 120 13.65 -31.76 15.70
CA PRO B 120 13.85 -32.67 16.84
C PRO B 120 15.33 -32.95 17.08
N GLY B 121 15.73 -32.99 18.35
CA GLY B 121 17.08 -33.37 18.77
C GLY B 121 18.09 -32.22 18.74
N ALA B 122 17.62 -31.00 18.42
CA ALA B 122 18.41 -29.80 18.61
C ALA B 122 17.69 -28.85 19.56
N ASP B 123 18.41 -27.92 20.16
CA ASP B 123 17.78 -26.94 21.02
C ASP B 123 17.62 -25.60 20.28
N VAL B 124 17.80 -25.62 18.95
CA VAL B 124 17.57 -24.45 18.10
C VAL B 124 16.58 -24.82 16.99
N TYR B 125 15.87 -23.81 16.48
CA TYR B 125 15.25 -23.87 15.17
C TYR B 125 16.25 -23.29 14.18
N ASN B 126 16.26 -23.77 12.93
CA ASN B 126 17.21 -23.28 11.94
C ASN B 126 16.54 -23.22 10.57
N ILE B 127 17.33 -22.96 9.51
CA ILE B 127 16.75 -22.75 8.18
C ILE B 127 16.06 -24.01 7.66
N SER B 128 16.64 -25.20 7.88
CA SER B 128 16.03 -26.41 7.35
CA SER B 128 16.05 -26.43 7.36
C SER B 128 14.75 -26.73 8.11
N SER B 129 14.73 -26.51 9.44
CA SER B 129 13.51 -26.77 10.20
C SER B 129 12.42 -25.76 9.83
N ALA B 130 12.80 -24.49 9.66
CA ALA B 130 11.84 -23.47 9.27
C ALA B 130 11.19 -23.81 7.93
N ALA B 131 12.00 -24.31 6.99
CA ALA B 131 11.51 -24.70 5.68
C ALA B 131 10.53 -25.87 5.77
N GLN B 132 10.87 -26.86 6.61
CA GLN B 132 9.99 -28.01 6.81
C GLN B 132 8.66 -27.57 7.41
N VAL B 133 8.70 -26.67 8.40
CA VAL B 133 7.50 -26.13 8.99
C VAL B 133 6.64 -25.46 7.93
N GLN B 134 7.25 -24.62 7.08
CA GLN B 134 6.46 -23.93 6.07
C GLN B 134 5.81 -24.92 5.11
N HIS B 135 6.55 -25.95 4.68
CA HIS B 135 6.02 -26.98 3.82
C HIS B 135 4.80 -27.63 4.48
N ASP B 136 4.95 -27.98 5.76
CA ASP B 136 3.91 -28.71 6.47
C ASP B 136 2.69 -27.83 6.71
N ARG B 137 2.90 -26.56 7.08
CA ARG B 137 1.80 -25.64 7.30
C ARG B 137 1.03 -25.42 6.00
N LEU B 138 1.75 -25.23 4.88
CA LEU B 138 1.06 -25.03 3.62
C LEU B 138 0.27 -26.28 3.24
N ALA B 139 0.87 -27.45 3.42
CA ALA B 139 0.18 -28.70 3.12
C ALA B 139 -1.13 -28.80 3.93
N ASP B 140 -1.08 -28.41 5.21
CA ASP B 140 -2.26 -28.42 6.05
C ASP B 140 -3.35 -27.52 5.48
N SER B 141 -2.98 -26.29 5.07
CA SER B 141 -3.96 -25.38 4.49
C SER B 141 -4.54 -25.94 3.19
N VAL B 142 -3.70 -26.54 2.35
CA VAL B 142 -4.17 -27.09 1.08
C VAL B 142 -5.15 -28.22 1.35
N ALA B 143 -4.90 -29.00 2.41
CA ALA B 143 -5.77 -30.12 2.77
C ALA B 143 -7.12 -29.63 3.29
N ARG B 144 -7.14 -28.58 4.12
CA ARG B 144 -8.29 -28.31 4.95
C ARG B 144 -9.00 -27.02 4.57
N ASN B 145 -8.38 -26.18 3.74
CA ASN B 145 -8.95 -24.90 3.38
C ASN B 145 -9.17 -24.84 1.87
N PRO B 146 -10.41 -25.02 1.38
CA PRO B 146 -10.69 -24.98 -0.04
C PRO B 146 -10.41 -23.63 -0.69
N ASN B 147 -10.35 -22.57 0.14
CA ASN B 147 -10.16 -21.20 -0.33
C ASN B 147 -8.72 -20.72 -0.13
N VAL B 148 -7.77 -21.64 0.08
CA VAL B 148 -6.38 -21.30 0.33
C VAL B 148 -5.83 -20.40 -0.78
N THR B 149 -5.08 -19.37 -0.36
CA THR B 149 -4.34 -18.51 -1.27
C THR B 149 -2.86 -18.72 -0.99
N ASN B 150 -2.12 -19.06 -2.05
CA ASN B 150 -0.73 -19.44 -1.94
C ASN B 150 -0.02 -19.03 -3.25
N THR B 151 0.71 -17.93 -3.18
CA THR B 151 1.28 -17.25 -4.33
C THR B 151 2.76 -16.97 -4.08
N ASP B 152 3.48 -16.52 -5.12
CA ASP B 152 4.86 -16.08 -4.94
C ASP B 152 4.94 -15.07 -3.80
N LEU B 153 3.95 -14.17 -3.75
CA LEU B 153 3.97 -13.11 -2.75
C LEU B 153 3.75 -13.70 -1.34
N THR B 154 2.72 -14.54 -1.15
CA THR B 154 2.50 -15.07 0.19
C THR B 154 3.67 -15.93 0.64
N ALA B 155 4.26 -16.68 -0.30
CA ALA B 155 5.40 -17.52 0.00
C ALA B 155 6.60 -16.70 0.46
N THR B 156 6.82 -15.54 -0.20
CA THR B 156 7.90 -14.66 0.18
C THR B 156 7.66 -14.08 1.57
N ILE B 157 6.43 -13.61 1.81
CA ILE B 157 6.08 -13.05 3.12
C ILE B 157 6.30 -14.11 4.20
N ARG B 158 5.87 -15.34 3.94
CA ARG B 158 6.02 -16.41 4.91
C ARG B 158 7.48 -16.69 5.23
N SER B 159 8.34 -16.78 4.20
CA SER B 159 9.75 -17.01 4.47
C SER B 159 10.37 -15.81 5.19
N SER B 160 9.91 -14.59 4.90
CA SER B 160 10.35 -13.39 5.61
C SER B 160 10.04 -13.49 7.11
N GLU B 161 8.84 -13.97 7.41
CA GLU B 161 8.41 -14.13 8.80
C GLU B 161 9.26 -15.18 9.51
N SER B 162 9.53 -16.32 8.86
CA SER B 162 10.41 -17.32 9.42
C SER B 162 11.81 -16.76 9.63
N ALA B 163 12.31 -15.98 8.66
CA ALA B 163 13.61 -15.35 8.81
C ALA B 163 13.62 -14.40 10.01
N PHE B 164 12.52 -13.71 10.25
CA PHE B 164 12.41 -12.81 11.39
C PHE B 164 12.58 -13.59 12.70
N TYR B 165 11.87 -14.71 12.88
CA TYR B 165 11.97 -15.38 14.17
C TYR B 165 13.35 -16.00 14.35
N LEU B 166 14.00 -16.46 13.26
CA LEU B 166 15.34 -17.01 13.36
C LEU B 166 16.39 -15.96 13.70
N THR B 167 16.19 -14.70 13.27
CA THR B 167 17.20 -13.68 13.41
C THR B 167 16.96 -12.84 14.67
N VAL B 168 15.74 -12.36 14.85
CA VAL B 168 15.48 -11.44 15.93
C VAL B 168 15.63 -12.16 17.29
N MET B 169 15.26 -13.45 17.33
CA MET B 169 15.31 -14.22 18.58
C MET B 169 16.58 -15.07 18.66
N SER B 170 17.62 -14.73 17.89
CA SER B 170 18.87 -15.47 17.91
C SER B 170 19.63 -15.24 19.21
N ALA B 171 20.62 -16.10 19.44
CA ALA B 171 21.51 -16.00 20.59
C ALA B 171 22.61 -14.96 20.35
N GLY B 172 22.46 -14.15 19.29
CA GLY B 172 23.19 -12.89 19.17
C GLY B 172 23.98 -12.78 17.87
N ASP B 173 24.04 -13.85 17.06
CA ASP B 173 24.58 -13.70 15.72
C ASP B 173 23.51 -14.06 14.70
N PRO B 174 22.72 -13.06 14.26
CA PRO B 174 21.57 -13.34 13.39
C PRO B 174 21.93 -13.94 12.04
N LEU B 175 23.19 -13.75 11.58
CA LEU B 175 23.64 -14.29 10.31
C LEU B 175 23.48 -15.81 10.25
N ARG B 176 23.56 -16.47 11.42
CA ARG B 176 23.60 -17.92 11.48
C ARG B 176 22.27 -18.54 11.05
N GLY B 177 21.18 -17.77 11.12
CA GLY B 177 19.87 -18.27 10.79
C GLY B 177 19.45 -19.44 11.69
N GLU B 178 19.72 -19.27 12.99
CA GLU B 178 19.26 -20.24 13.97
C GLU B 178 18.96 -19.49 15.26
N ALA B 179 17.93 -19.96 15.98
CA ALA B 179 17.51 -19.31 17.21
C ALA B 179 17.16 -20.38 18.24
N PRO B 180 17.52 -20.15 19.52
CA PRO B 180 17.14 -21.08 20.59
C PRO B 180 15.62 -21.27 20.61
N LYS B 181 15.19 -22.52 20.69
CA LYS B 181 13.78 -22.86 20.82
C LYS B 181 13.19 -22.17 22.05
N LYS B 182 13.95 -22.12 23.14
CA LYS B 182 13.45 -21.50 24.37
C LYS B 182 13.06 -20.04 24.11
N PHE B 183 13.82 -19.33 23.25
CA PHE B 183 13.56 -17.93 22.96
C PHE B 183 12.37 -17.79 22.01
N VAL B 184 12.39 -18.54 20.90
CA VAL B 184 11.31 -18.46 19.90
C VAL B 184 9.96 -18.86 20.51
N ASN B 185 9.95 -19.88 21.37
CA ASN B 185 8.70 -20.35 21.96
C ASN B 185 8.08 -19.25 22.84
N VAL B 186 8.90 -18.53 23.62
CA VAL B 186 8.41 -17.44 24.44
C VAL B 186 7.88 -16.32 23.55
N PHE B 187 8.61 -16.01 22.48
CA PHE B 187 8.23 -14.95 21.56
C PHE B 187 6.82 -15.20 21.05
N PHE B 188 6.54 -16.42 20.56
CA PHE B 188 5.24 -16.72 19.99
C PHE B 188 4.18 -16.89 21.08
N GLN B 189 4.50 -17.69 22.12
CA GLN B 189 3.49 -18.12 23.08
C GLN B 189 3.09 -16.99 24.03
N GLU B 190 4.01 -16.07 24.34
CA GLU B 190 3.76 -15.02 25.31
C GLU B 190 3.91 -13.63 24.70
N GLU B 191 4.42 -13.52 23.45
CA GLU B 191 4.69 -12.22 22.86
C GLU B 191 5.48 -11.37 23.85
N ARG B 192 6.58 -11.97 24.28
CA ARG B 192 7.51 -11.41 25.25
C ARG B 192 8.94 -11.58 24.75
N MET B 193 9.80 -10.59 25.01
CA MET B 193 11.23 -10.74 24.82
C MET B 193 11.76 -11.63 25.93
N PRO B 194 12.44 -12.76 25.60
CA PRO B 194 12.86 -13.73 26.60
C PRO B 194 14.11 -13.33 27.37
N ILE B 195 13.99 -12.22 28.11
CA ILE B 195 15.13 -11.59 28.77
C ILE B 195 15.61 -12.47 29.93
N LYS B 196 14.69 -12.94 30.78
CA LYS B 196 15.11 -13.77 31.92
C LYS B 196 15.71 -15.07 31.42
N GLU B 197 15.31 -15.51 30.20
CA GLU B 197 15.78 -16.75 29.61
C GLU B 197 17.18 -16.57 29.00
N GLY B 198 17.64 -15.32 28.84
CA GLY B 198 19.00 -15.04 28.41
C GLY B 198 19.09 -14.31 27.07
N TRP B 199 17.95 -13.95 26.47
CA TRP B 199 17.97 -13.26 25.18
C TRP B 199 18.44 -11.82 25.36
N LYS B 200 19.19 -11.33 24.36
CA LYS B 200 19.56 -9.93 24.25
C LYS B 200 19.37 -9.48 22.80
N ARG B 201 18.94 -8.24 22.65
CA ARG B 201 18.86 -7.56 21.37
C ARG B 201 20.14 -7.79 20.57
N SER B 202 19.98 -8.17 19.30
CA SER B 202 21.11 -8.34 18.39
C SER B 202 21.98 -7.08 18.34
N THR B 203 23.30 -7.27 18.39
CA THR B 203 24.25 -6.19 18.20
C THR B 203 24.55 -6.02 16.71
N THR B 204 24.08 -6.97 15.89
CA THR B 204 24.21 -6.90 14.44
C THR B 204 22.91 -6.37 13.86
N PRO B 205 22.94 -5.32 13.02
CA PRO B 205 21.73 -4.83 12.37
C PRO B 205 21.09 -5.90 11.48
N ILE B 206 19.77 -6.03 11.62
CA ILE B 206 18.97 -6.95 10.80
C ILE B 206 18.26 -6.12 9.74
N ASN B 207 18.69 -6.28 8.49
CA ASN B 207 18.21 -5.48 7.37
C ASN B 207 17.94 -6.41 6.18
N LEU B 208 17.54 -5.84 5.03
CA LEU B 208 17.17 -6.67 3.88
C LEU B 208 18.38 -7.47 3.38
N PRO B 209 19.59 -6.89 3.25
CA PRO B 209 20.76 -7.67 2.86
C PRO B 209 21.03 -8.90 3.75
N LEU B 210 20.80 -8.78 5.07
CA LEU B 210 21.02 -9.91 5.96
C LEU B 210 19.90 -10.95 5.79
N LEU B 211 18.65 -10.50 5.68
CA LEU B 211 17.51 -11.41 5.64
C LEU B 211 17.41 -12.13 4.29
N GLY B 212 17.83 -11.45 3.21
CA GLY B 212 17.52 -11.95 1.87
C GLY B 212 17.98 -13.38 1.62
N PRO B 213 19.25 -13.74 1.88
CA PRO B 213 19.73 -15.10 1.66
C PRO B 213 19.03 -16.12 2.55
N ILE B 214 18.65 -15.71 3.75
CA ILE B 214 17.93 -16.59 4.66
C ILE B 214 16.55 -16.89 4.10
N ILE B 215 15.83 -15.84 3.68
CA ILE B 215 14.54 -15.98 3.04
C ILE B 215 14.65 -16.94 1.85
N ASP B 216 15.62 -16.70 0.97
CA ASP B 216 15.73 -17.48 -0.24
C ASP B 216 16.05 -18.95 0.07
N ARG B 217 16.92 -19.20 1.07
CA ARG B 217 17.26 -20.57 1.42
C ARG B 217 16.06 -21.30 2.02
N ILE B 218 15.30 -20.61 2.88
CA ILE B 218 14.10 -21.22 3.46
C ILE B 218 13.16 -21.64 2.33
N THR B 219 12.91 -20.72 1.38
CA THR B 219 12.04 -21.05 0.27
C THR B 219 12.58 -22.26 -0.50
N GLU B 220 13.88 -22.24 -0.81
CA GLU B 220 14.48 -23.31 -1.59
C GLU B 220 14.30 -24.68 -0.93
N LEU B 221 14.43 -24.74 0.41
CA LEU B 221 14.37 -26.03 1.10
C LEU B 221 12.93 -26.47 1.35
N SER B 222 11.93 -25.61 1.07
CA SER B 222 10.55 -25.88 1.49
C SER B 222 9.75 -26.68 0.46
N ASP B 223 10.32 -27.02 -0.69
CA ASP B 223 9.64 -27.78 -1.73
C ASP B 223 8.30 -27.12 -2.08
N TRP B 224 8.39 -25.84 -2.42
CA TRP B 224 7.23 -24.99 -2.63
C TRP B 224 6.79 -24.98 -4.09
N LYS B 225 5.46 -24.91 -4.28
CA LYS B 225 4.83 -24.65 -5.57
C LYS B 225 3.63 -23.73 -5.34
N PRO B 226 3.30 -22.83 -6.29
CA PRO B 226 2.12 -21.97 -6.14
C PRO B 226 0.82 -22.74 -6.26
N THR B 227 -0.30 -22.10 -5.88
CA THR B 227 -1.65 -22.62 -6.04
C THR B 227 -2.47 -21.73 -6.98
N GLY B 228 -3.25 -22.36 -7.88
CA GLY B 228 -4.22 -21.65 -8.70
C GLY B 228 -3.57 -20.59 -9.60
N ASP B 229 -4.16 -19.39 -9.65
CA ASP B 229 -3.74 -18.35 -10.58
C ASP B 229 -2.44 -17.68 -10.18
N ASN B 230 -1.91 -17.95 -8.97
CA ASN B 230 -0.64 -17.39 -8.56
C ASN B 230 -0.62 -15.87 -8.76
N CYS B 231 -1.67 -15.21 -8.25
CA CYS B 231 -1.86 -13.78 -8.47
C CYS B 231 -1.37 -13.01 -7.25
N GLY B 232 -0.34 -12.18 -7.42
CA GLY B 232 0.27 -11.49 -6.30
C GLY B 232 -0.42 -10.17 -5.93
N ALA B 233 -1.75 -10.09 -6.11
CA ALA B 233 -2.53 -8.88 -5.84
C ALA B 233 -2.83 -8.78 -4.35
N ILE B 234 -2.56 -7.62 -3.75
CA ILE B 234 -2.91 -7.37 -2.36
C ILE B 234 -4.22 -6.59 -2.29
N VAL B 235 -4.88 -6.75 -1.13
CA VAL B 235 -6.05 -5.96 -0.79
C VAL B 235 -5.59 -4.57 -0.36
N LEU B 236 -6.18 -3.53 -0.96
CA LEU B 236 -5.61 -2.19 -0.89
C LEU B 236 -6.21 -1.37 0.25
N GLY B 237 -7.26 -1.89 0.89
CA GLY B 237 -7.88 -1.21 2.02
C GLY B 237 -9.00 -2.04 2.59
N PRO B 238 -9.50 -1.73 3.80
CA PRO B 238 -10.58 -2.53 4.41
C PRO B 238 -11.92 -2.20 3.75
N GLY B 239 -12.88 -3.11 3.90
CA GLY B 239 -14.26 -2.85 3.49
C GLY B 239 -14.42 -2.58 2.00
N LEU B 240 -13.52 -3.15 1.19
CA LEU B 240 -13.70 -3.25 -0.25
C LEU B 240 -14.27 -4.64 -0.53
#